data_5FF4
#
_entry.id   5FF4
#
_cell.length_a   51.110
_cell.length_b   79.380
_cell.length_c   86.160
_cell.angle_alpha   90.00
_cell.angle_beta   90.00
_cell.angle_gamma   90.00
#
_symmetry.space_group_name_H-M   'P 21 21 21'
#
loop_
_entity.id
_entity.type
_entity.pdbx_description
1 polymer '[FeFe] hydrogenase maturase subunit HydE'
2 non-polymer 'Fe4-Se4 cluster'
3 non-polymer 3-[(3-CHOLAMIDOPROPYL)DIMETHYLAMMONIO]-1-PROPANESULFONATE
4 non-polymer 'CHLORIDE ION'
5 non-polymer S-ADENOSYL-L-HOMOCYSTEINE
6 non-polymer '(2~{R},4~{R})-2,5,5-trimethyl-1,3-thiazolidine-2,4-dicarboxylic acid'
7 non-polymer 'SELENIUM ATOM'
8 water water
#
_entity_poly.entity_id   1
_entity_poly.type   'polypeptide(L)'
_entity_poly.pdbx_seq_one_letter_code
;MWSHPQFEKASTGREILEKLERREFTREVLKEALSINDRGFNEALFKLADEIRRKYVGDEVHIRAIIEFSNVCRKNCLYC
GLRRDNKNLKRYRMTPEEIVERARLAVQFGAKTIVLQSGEDPYYMPDVISDIVKEIKKMGVAVTLSLGEWPREYYEKWKE
AGADRYLLRHETANPVLHRKLRPDTSFENRLNCLLTLKELGYETGAGSMVGLPGQTIDDLVDDLLFLKEHDFDMVGIGPF
IPHPDTPLANEKKGDFTLTLKMVALTRILLPDSNIPATTAMGTIVPGGREITLRCGANVIMPNWTPSPYRQLYQLYPGKI
SVFEKDTASIPSVMKMIELLGRKPGRDWGGRKRVFETV
;
_entity_poly.pdbx_strand_id   A
#
# COMPACT_ATOMS: atom_id res chain seq x y z
N THR A 12 29.19 6.44 -12.41
CA THR A 12 29.61 6.31 -11.04
C THR A 12 28.39 6.60 -10.08
N GLY A 13 28.39 5.83 -9.05
CA GLY A 13 27.35 5.94 -8.06
C GLY A 13 27.36 7.30 -7.45
N ARG A 14 28.55 7.90 -7.22
CA ARG A 14 28.60 9.20 -6.62
C ARG A 14 27.89 10.25 -7.44
N GLU A 15 28.08 10.23 -8.76
N GLU A 15 28.06 10.21 -8.76
CA GLU A 15 27.44 11.18 -9.65
CA GLU A 15 27.45 11.19 -9.64
C GLU A 15 25.92 11.06 -9.68
C GLU A 15 25.93 11.06 -9.68
N ILE A 16 25.44 9.85 -9.59
CA ILE A 16 23.99 9.60 -9.53
C ILE A 16 23.37 10.14 -8.23
N LEU A 17 24.08 9.91 -7.10
CA LEU A 17 23.59 10.45 -5.81
C LEU A 17 23.54 11.94 -5.86
N GLU A 18 24.59 12.53 -6.49
CA GLU A 18 24.66 13.96 -6.63
C GLU A 18 23.51 14.52 -7.41
N LYS A 19 23.16 13.84 -8.46
CA LYS A 19 22.04 14.27 -9.28
C LYS A 19 20.69 14.11 -8.52
N LEU A 20 20.56 12.97 -7.83
CA LEU A 20 19.42 12.74 -6.93
C LEU A 20 19.30 13.81 -5.89
N GLU A 21 20.45 14.15 -5.30
CA GLU A 21 20.48 15.21 -4.30
C GLU A 21 20.08 16.55 -4.88
N ARG A 22 20.42 16.81 -6.14
CA ARG A 22 20.08 18.08 -6.80
C ARG A 22 18.75 18.02 -7.51
N ARG A 23 18.04 16.90 -7.33
CA ARG A 23 16.74 16.70 -7.92
C ARG A 23 16.68 16.70 -9.44
N GLU A 24 17.67 16.08 -10.08
CA GLU A 24 17.70 15.93 -11.53
C GLU A 24 17.14 14.58 -11.80
N PHE A 25 15.84 14.50 -11.85
CA PHE A 25 15.11 13.25 -11.90
C PHE A 25 14.76 12.77 -13.28
N THR A 26 15.77 12.60 -14.10
CA THR A 26 15.56 12.13 -15.42
C THR A 26 15.42 10.66 -15.49
N ARG A 27 14.86 10.17 -16.58
CA ARG A 27 14.79 8.76 -16.79
C ARG A 27 16.19 8.11 -16.68
N GLU A 28 17.25 8.69 -17.26
CA GLU A 28 18.53 8.00 -17.21
C GLU A 28 19.09 7.90 -15.78
N VAL A 29 18.84 8.94 -14.98
CA VAL A 29 19.33 8.92 -13.56
C VAL A 29 18.63 7.82 -12.74
N LEU A 30 17.31 7.74 -12.95
CA LEU A 30 16.53 6.69 -12.25
C LEU A 30 16.92 5.29 -12.71
N LYS A 31 17.12 5.11 -14.06
CA LYS A 31 17.51 3.80 -14.55
C LYS A 31 18.87 3.40 -13.94
N GLU A 32 19.79 4.37 -13.92
N GLU A 32 19.76 4.39 -13.95
CA GLU A 32 21.13 4.05 -13.42
CA GLU A 32 21.11 4.17 -13.43
C GLU A 32 21.06 3.71 -11.90
C GLU A 32 21.09 3.79 -11.94
N ALA A 33 20.28 4.49 -11.15
CA ALA A 33 20.10 4.17 -9.76
C ALA A 33 19.57 2.71 -9.49
N LEU A 34 18.62 2.29 -10.32
CA LEU A 34 18.09 0.94 -10.21
C LEU A 34 18.98 -0.14 -10.77
N SER A 35 19.90 0.25 -11.64
CA SER A 35 20.82 -0.69 -12.33
C SER A 35 22.14 -0.99 -11.54
N ILE A 36 22.61 0.00 -10.81
CA ILE A 36 23.83 -0.13 -9.99
C ILE A 36 23.59 -1.03 -8.82
N ASN A 37 24.38 -2.07 -8.60
CA ASN A 37 24.18 -2.99 -7.50
C ASN A 37 25.23 -2.92 -6.40
N ASP A 38 26.08 -1.95 -6.50
CA ASP A 38 27.13 -1.78 -5.56
C ASP A 38 26.55 -1.51 -4.14
N ARG A 39 27.12 -2.19 -3.15
CA ARG A 39 26.67 -2.03 -1.78
C ARG A 39 26.82 -0.61 -1.28
N GLY A 40 27.94 0.00 -1.56
CA GLY A 40 28.14 1.35 -1.10
C GLY A 40 27.13 2.32 -1.67
N PHE A 41 26.88 2.22 -2.96
CA PHE A 41 25.87 3.02 -3.61
C PHE A 41 24.48 2.78 -2.95
N ASN A 42 24.09 1.52 -2.85
CA ASN A 42 22.78 1.24 -2.28
C ASN A 42 22.64 1.82 -0.89
N GLU A 43 23.64 1.67 -0.05
CA GLU A 43 23.56 2.17 1.31
C GLU A 43 23.45 3.67 1.35
N ALA A 44 24.18 4.34 0.47
CA ALA A 44 24.07 5.80 0.38
C ALA A 44 22.72 6.25 -0.10
N LEU A 45 22.13 5.51 -1.06
CA LEU A 45 20.82 5.79 -1.53
C LEU A 45 19.76 5.67 -0.36
N PHE A 46 19.91 4.59 0.41
CA PHE A 46 18.97 4.36 1.53
C PHE A 46 19.15 5.46 2.57
N LYS A 47 20.36 5.87 2.87
N LYS A 47 20.38 5.85 2.86
CA LYS A 47 20.63 6.93 3.81
CA LYS A 47 20.67 6.95 3.78
C LYS A 47 20.02 8.26 3.30
C LYS A 47 20.04 8.27 3.32
N LEU A 48 20.14 8.54 2.03
CA LEU A 48 19.54 9.73 1.46
C LEU A 48 18.04 9.72 1.65
N ALA A 49 17.41 8.62 1.29
CA ALA A 49 15.96 8.51 1.48
C ALA A 49 15.52 8.65 2.91
N ASP A 50 16.28 8.02 3.83
CA ASP A 50 16.00 8.13 5.27
C ASP A 50 16.07 9.58 5.74
N GLU A 51 17.07 10.28 5.26
CA GLU A 51 17.22 11.66 5.65
C GLU A 51 16.18 12.56 5.06
N ILE A 52 15.79 12.34 3.81
N ILE A 52 15.77 12.33 3.82
CA ILE A 52 14.71 13.07 3.22
CA ILE A 52 14.69 13.06 3.22
C ILE A 52 13.38 12.84 3.99
C ILE A 52 13.36 12.80 3.93
N ARG A 53 13.14 11.55 4.32
CA ARG A 53 11.97 11.26 5.14
C ARG A 53 12.00 12.07 6.43
N ARG A 54 13.13 11.95 7.18
CA ARG A 54 13.17 12.65 8.43
C ARG A 54 12.90 14.17 8.24
N LYS A 55 13.55 14.76 7.26
CA LYS A 55 13.41 16.23 7.11
C LYS A 55 12.01 16.68 6.69
N TYR A 56 11.34 15.88 5.84
CA TYR A 56 10.08 16.29 5.34
C TYR A 56 8.84 15.83 6.14
N VAL A 57 8.88 14.58 6.61
CA VAL A 57 7.73 14.03 7.30
C VAL A 57 8.06 13.61 8.76
N GLY A 58 9.25 13.86 9.23
CA GLY A 58 9.59 13.68 10.62
C GLY A 58 9.61 12.26 11.08
N ASP A 59 9.61 12.09 12.40
CA ASP A 59 9.82 10.78 13.04
C ASP A 59 8.54 10.09 13.40
N GLU A 60 7.38 10.69 13.17
CA GLU A 60 6.13 10.01 13.46
CA GLU A 60 6.09 10.03 13.38
C GLU A 60 5.90 8.92 12.39
N VAL A 61 5.52 7.74 12.88
CA VAL A 61 5.11 6.63 12.00
C VAL A 61 3.62 6.46 12.21
N HIS A 62 2.87 6.68 11.13
CA HIS A 62 1.42 6.64 11.19
C HIS A 62 0.89 5.25 11.07
N ILE A 63 -0.03 4.91 11.94
CA ILE A 63 -0.59 3.55 12.03
C ILE A 63 -1.96 3.58 11.35
N ARG A 64 -2.09 2.69 10.31
CA ARG A 64 -3.38 2.48 9.63
C ARG A 64 -3.87 1.05 9.90
N ALA A 65 -4.92 0.91 10.70
CA ALA A 65 -5.38 -0.44 11.05
C ALA A 65 -6.26 -0.97 9.93
N ILE A 66 -5.87 -2.10 9.33
N ILE A 66 -5.88 -2.10 9.32
CA ILE A 66 -6.60 -2.69 8.22
CA ILE A 66 -6.60 -2.68 8.19
C ILE A 66 -7.54 -3.78 8.60
C ILE A 66 -7.53 -3.79 8.61
N ILE A 67 -8.74 -3.67 8.13
CA ILE A 67 -9.74 -4.72 8.29
C ILE A 67 -10.05 -5.25 6.90
N GLU A 68 -9.74 -6.49 6.65
CA GLU A 68 -9.91 -7.18 5.34
C GLU A 68 -11.25 -7.89 5.51
N PHE A 69 -12.29 -7.22 5.08
CA PHE A 69 -13.64 -7.58 5.53
C PHE A 69 -14.33 -8.60 4.62
N SER A 70 -13.80 -8.85 3.45
CA SER A 70 -14.32 -9.87 2.52
C SER A 70 -13.24 -10.30 1.59
N ASN A 71 -13.15 -11.61 1.38
CA ASN A 71 -12.18 -12.14 0.38
C ASN A 71 -12.89 -12.61 -0.88
N VAL A 72 -14.14 -12.16 -1.07
CA VAL A 72 -14.87 -12.45 -2.34
C VAL A 72 -14.36 -11.47 -3.38
N CYS A 73 -14.03 -11.98 -4.59
CA CYS A 73 -13.65 -11.13 -5.68
C CYS A 73 -14.20 -11.53 -7.03
N ARG A 74 -14.67 -10.58 -7.79
CA ARG A 74 -15.22 -10.79 -9.15
C ARG A 74 -14.10 -10.80 -10.23
N LYS A 75 -12.88 -10.30 -9.93
CA LYS A 75 -11.79 -10.21 -10.89
C LYS A 75 -10.90 -11.45 -10.76
N ASN A 76 -9.97 -11.55 -11.75
CA ASN A 76 -9.18 -12.75 -11.95
C ASN A 76 -7.71 -12.44 -12.17
N CYS A 77 -7.22 -11.39 -11.54
CA CYS A 77 -5.79 -11.03 -11.68
C CYS A 77 -4.92 -12.23 -11.47
N LEU A 78 -3.90 -12.33 -12.36
CA LEU A 78 -3.13 -13.59 -12.39
C LEU A 78 -2.25 -13.83 -11.23
N TYR A 79 -1.90 -12.71 -10.56
CA TYR A 79 -1.01 -12.84 -9.42
C TYR A 79 -1.65 -13.08 -8.11
N CYS A 80 -2.95 -12.95 -8.00
CA CYS A 80 -3.62 -12.80 -6.68
C CYS A 80 -4.27 -14.05 -6.18
N GLY A 81 -4.06 -14.45 -4.94
CA GLY A 81 -4.74 -15.56 -4.39
C GLY A 81 -6.24 -15.49 -4.22
N LEU A 82 -6.81 -14.28 -4.28
CA LEU A 82 -8.24 -14.09 -4.20
C LEU A 82 -8.94 -14.09 -5.57
N ARG A 83 -8.20 -14.31 -6.63
CA ARG A 83 -8.77 -14.35 -7.96
C ARG A 83 -9.96 -15.30 -7.99
N ARG A 84 -10.93 -14.91 -8.84
CA ARG A 84 -12.18 -15.70 -8.84
C ARG A 84 -12.05 -17.17 -9.22
N ASP A 85 -11.07 -17.46 -10.06
CA ASP A 85 -10.85 -18.86 -10.45
C ASP A 85 -10.25 -19.73 -9.38
N ASN A 86 -9.81 -19.14 -8.23
CA ASN A 86 -9.26 -19.97 -7.16
C ASN A 86 -10.37 -20.60 -6.35
N LYS A 87 -10.67 -21.87 -6.63
CA LYS A 87 -11.63 -22.67 -5.82
C LYS A 87 -11.07 -23.22 -4.51
N ASN A 88 -9.73 -23.11 -4.30
CA ASN A 88 -9.11 -23.70 -3.11
CA ASN A 88 -9.07 -23.68 -3.11
C ASN A 88 -8.98 -22.69 -1.98
N LEU A 89 -10.04 -21.94 -1.82
CA LEU A 89 -10.12 -20.92 -0.79
C LEU A 89 -11.51 -20.82 -0.28
N LYS A 90 -11.62 -20.76 1.01
CA LYS A 90 -12.89 -20.61 1.69
C LYS A 90 -13.12 -19.07 1.65
N ARG A 91 -14.27 -18.71 1.13
CA ARG A 91 -14.68 -17.35 1.00
C ARG A 91 -15.46 -16.92 2.24
N TYR A 92 -15.29 -15.66 2.64
CA TYR A 92 -16.00 -15.12 3.80
C TYR A 92 -16.43 -13.66 3.55
N ARG A 93 -17.43 -13.26 4.32
CA ARG A 93 -17.87 -11.89 4.41
C ARG A 93 -18.15 -11.53 5.83
N MET A 94 -17.55 -10.46 6.38
CA MET A 94 -17.92 -9.95 7.63
C MET A 94 -19.21 -9.20 7.53
N THR A 95 -20.06 -9.23 8.57
CA THR A 95 -21.28 -8.42 8.58
C THR A 95 -20.94 -6.97 8.86
N PRO A 96 -21.82 -6.05 8.45
CA PRO A 96 -21.59 -4.62 8.76
C PRO A 96 -21.37 -4.38 10.22
N GLU A 97 -22.15 -5.02 11.07
CA GLU A 97 -21.95 -4.87 12.52
C GLU A 97 -20.57 -5.36 12.98
N GLU A 98 -20.13 -6.51 12.49
CA GLU A 98 -18.82 -6.99 12.78
C GLU A 98 -17.75 -5.99 12.38
N ILE A 99 -17.91 -5.44 11.20
CA ILE A 99 -16.86 -4.50 10.68
C ILE A 99 -16.86 -3.26 11.54
N VAL A 100 -17.99 -2.69 11.85
CA VAL A 100 -18.03 -1.45 12.64
C VAL A 100 -17.49 -1.74 14.05
N GLU A 101 -17.83 -2.84 14.67
CA GLU A 101 -17.37 -3.08 16.00
C GLU A 101 -15.91 -3.39 16.04
N ARG A 102 -15.37 -4.07 14.99
CA ARG A 102 -13.97 -4.30 14.88
C ARG A 102 -13.17 -3.01 14.65
N ALA A 103 -13.72 -2.10 13.87
CA ALA A 103 -13.16 -0.74 13.75
C ALA A 103 -13.16 -0.03 15.11
N ARG A 104 -14.27 -0.13 15.86
N ARG A 104 -14.23 -0.14 15.86
CA ARG A 104 -14.31 0.54 17.16
CA ARG A 104 -14.26 0.50 17.16
C ARG A 104 -13.21 -0.02 18.05
C ARG A 104 -13.16 -0.03 18.07
N LEU A 105 -12.97 -1.34 18.04
CA LEU A 105 -11.92 -1.90 18.85
C LEU A 105 -10.54 -1.35 18.47
N ALA A 106 -10.29 -1.20 17.14
CA ALA A 106 -9.06 -0.57 16.73
C ALA A 106 -8.92 0.84 17.21
N VAL A 107 -9.98 1.65 17.15
CA VAL A 107 -9.93 3.00 17.69
C VAL A 107 -9.68 2.96 19.19
N GLN A 108 -10.31 2.02 19.90
CA GLN A 108 -10.03 1.87 21.33
C GLN A 108 -8.56 1.55 21.62
N PHE A 109 -7.89 0.85 20.67
CA PHE A 109 -6.47 0.51 20.77
C PHE A 109 -5.55 1.61 20.27
N GLY A 110 -6.12 2.74 19.83
CA GLY A 110 -5.28 3.92 19.42
C GLY A 110 -5.15 4.12 17.93
N ALA A 111 -5.79 3.32 17.08
CA ALA A 111 -5.69 3.61 15.63
C ALA A 111 -6.44 4.90 15.33
N LYS A 112 -5.71 5.74 14.49
CA LYS A 112 -6.32 7.02 14.07
CA LYS A 112 -6.16 7.04 14.04
C LYS A 112 -6.77 7.04 12.61
N THR A 113 -6.46 5.95 11.87
CA THR A 113 -7.04 5.65 10.56
C THR A 113 -7.49 4.18 10.55
N ILE A 114 -8.66 3.95 10.01
CA ILE A 114 -9.19 2.61 9.76
C ILE A 114 -9.15 2.44 8.21
N VAL A 115 -8.55 1.36 7.76
CA VAL A 115 -8.54 0.95 6.37
C VAL A 115 -9.51 -0.20 6.19
N LEU A 116 -10.46 -0.05 5.29
CA LEU A 116 -11.37 -1.14 4.91
C LEU A 116 -10.87 -1.67 3.53
N GLN A 117 -10.47 -2.92 3.48
CA GLN A 117 -9.96 -3.54 2.28
C GLN A 117 -10.72 -4.82 1.98
N SER A 118 -10.95 -5.08 0.70
CA SER A 118 -11.63 -6.28 0.31
C SER A 118 -11.24 -6.64 -1.09
N GLY A 119 -11.61 -7.90 -1.44
CA GLY A 119 -11.77 -8.25 -2.87
C GLY A 119 -12.84 -7.35 -3.48
N GLU A 120 -12.93 -7.30 -4.77
CA GLU A 120 -14.05 -6.61 -5.43
C GLU A 120 -15.28 -7.43 -5.27
N ASP A 121 -15.96 -7.27 -4.16
CA ASP A 121 -17.12 -8.07 -3.73
C ASP A 121 -18.37 -7.26 -3.94
N PRO A 122 -19.16 -7.58 -4.97
CA PRO A 122 -20.34 -6.80 -5.27
C PRO A 122 -21.35 -6.61 -4.10
N TYR A 123 -21.37 -7.52 -3.17
CA TYR A 123 -22.45 -7.55 -2.17
C TYR A 123 -22.62 -6.23 -1.45
N TYR A 124 -21.50 -5.59 -1.11
N TYR A 124 -21.51 -5.59 -1.06
CA TYR A 124 -21.50 -4.39 -0.26
CA TYR A 124 -21.64 -4.38 -0.22
C TYR A 124 -21.74 -3.11 -1.02
C TYR A 124 -21.69 -3.09 -1.02
N MET A 125 -21.69 -3.17 -2.35
CA MET A 125 -21.46 -1.98 -3.16
C MET A 125 -22.72 -1.38 -3.76
N PRO A 126 -22.99 -0.08 -3.58
CA PRO A 126 -22.22 0.87 -2.76
C PRO A 126 -22.78 1.09 -1.39
N ASP A 127 -24.02 0.73 -1.10
CA ASP A 127 -24.72 1.28 0.05
C ASP A 127 -24.25 0.68 1.34
N VAL A 128 -23.88 -0.57 1.43
CA VAL A 128 -23.46 -1.15 2.72
C VAL A 128 -22.16 -0.47 3.12
N ILE A 129 -21.24 -0.28 2.17
CA ILE A 129 -20.03 0.49 2.45
C ILE A 129 -20.36 1.86 3.01
N SER A 130 -21.23 2.58 2.34
CA SER A 130 -21.61 3.92 2.83
C SER A 130 -22.09 3.88 4.27
N ASP A 131 -22.92 2.92 4.59
CA ASP A 131 -23.46 2.86 5.93
C ASP A 131 -22.29 2.60 6.95
N ILE A 132 -21.39 1.68 6.62
CA ILE A 132 -20.25 1.38 7.50
C ILE A 132 -19.36 2.58 7.70
N VAL A 133 -19.03 3.26 6.61
CA VAL A 133 -18.17 4.44 6.63
C VAL A 133 -18.80 5.49 7.57
N LYS A 134 -20.11 5.73 7.41
CA LYS A 134 -20.72 6.73 8.29
C LYS A 134 -20.58 6.36 9.75
N GLU A 135 -20.74 5.12 10.09
CA GLU A 135 -20.63 4.68 11.47
C GLU A 135 -19.24 4.82 12.01
N ILE A 136 -18.25 4.49 11.20
CA ILE A 136 -16.88 4.61 11.68
C ILE A 136 -16.46 6.05 11.81
N LYS A 137 -16.90 6.88 10.86
CA LYS A 137 -16.57 8.32 10.95
C LYS A 137 -17.08 8.96 12.25
N LYS A 138 -18.12 8.43 12.84
CA LYS A 138 -18.62 8.98 14.12
C LYS A 138 -17.56 8.83 15.21
N MET A 139 -16.59 7.92 15.05
N MET A 139 -16.57 7.95 15.06
CA MET A 139 -15.54 7.63 16.01
CA MET A 139 -15.54 7.78 16.07
C MET A 139 -14.41 8.64 15.94
C MET A 139 -14.38 8.71 15.96
N GLY A 140 -14.49 9.64 15.02
CA GLY A 140 -13.47 10.70 14.98
C GLY A 140 -12.11 10.29 14.48
N VAL A 141 -12.08 9.37 13.53
CA VAL A 141 -10.88 8.90 12.87
C VAL A 141 -11.00 9.05 11.38
N ALA A 142 -9.84 8.92 10.72
CA ALA A 142 -9.84 8.87 9.25
C ALA A 142 -10.28 7.49 8.76
N VAL A 143 -10.97 7.48 7.65
CA VAL A 143 -11.36 6.26 6.98
C VAL A 143 -10.74 6.20 5.58
N THR A 144 -10.07 5.09 5.30
CA THR A 144 -9.45 4.80 4.02
C THR A 144 -10.13 3.58 3.43
N LEU A 145 -10.47 3.65 2.14
CA LEU A 145 -11.10 2.50 1.45
C LEU A 145 -10.10 1.96 0.44
N SER A 146 -10.12 0.59 0.33
CA SER A 146 -9.28 -0.05 -0.70
C SER A 146 -10.12 -1.22 -1.21
N LEU A 147 -11.06 -0.88 -2.11
CA LEU A 147 -12.11 -1.78 -2.56
C LEU A 147 -11.98 -2.10 -4.06
N GLY A 148 -10.95 -1.58 -4.74
CA GLY A 148 -10.80 -1.84 -6.18
C GLY A 148 -11.50 -0.79 -7.05
N GLU A 149 -11.77 -1.26 -8.29
CA GLU A 149 -12.35 -0.39 -9.34
C GLU A 149 -13.88 -0.50 -9.31
N TRP A 150 -14.49 0.64 -9.21
CA TRP A 150 -15.95 0.77 -9.19
C TRP A 150 -16.34 2.03 -9.96
N PRO A 151 -17.63 2.14 -10.33
CA PRO A 151 -18.08 3.37 -10.99
C PRO A 151 -17.83 4.63 -10.21
N ARG A 152 -17.68 5.78 -10.91
CA ARG A 152 -17.59 7.05 -10.31
CA ARG A 152 -17.54 7.04 -10.27
C ARG A 152 -18.67 7.31 -9.28
N GLU A 153 -19.89 6.82 -9.53
CA GLU A 153 -20.99 7.07 -8.65
C GLU A 153 -20.71 6.47 -7.30
N TYR A 154 -20.13 5.30 -7.30
CA TYR A 154 -19.84 4.63 -6.01
C TYR A 154 -18.83 5.44 -5.21
N TYR A 155 -17.72 5.81 -5.86
CA TYR A 155 -16.70 6.63 -5.25
C TYR A 155 -17.28 7.94 -4.75
N GLU A 156 -18.19 8.58 -5.47
N GLU A 156 -18.19 8.56 -5.47
CA GLU A 156 -18.83 9.76 -4.96
CA GLU A 156 -18.81 9.74 -4.96
C GLU A 156 -19.69 9.50 -3.71
C GLU A 156 -19.71 9.50 -3.72
N LYS A 157 -20.52 8.44 -3.74
CA LYS A 157 -21.32 8.13 -2.58
C LYS A 157 -20.42 7.92 -1.37
N TRP A 158 -19.31 7.22 -1.53
CA TRP A 158 -18.41 6.92 -0.38
C TRP A 158 -17.74 8.17 0.15
N LYS A 159 -17.43 9.10 -0.74
CA LYS A 159 -16.86 10.41 -0.33
C LYS A 159 -17.95 11.21 0.45
N GLU A 160 -19.18 11.20 -0.04
CA GLU A 160 -20.26 11.90 0.70
C GLU A 160 -20.49 11.26 2.06
N ALA A 161 -20.31 9.92 2.16
CA ALA A 161 -20.51 9.19 3.40
C ALA A 161 -19.41 9.51 4.43
N GLY A 162 -18.32 10.10 3.96
CA GLY A 162 -17.25 10.56 4.84
C GLY A 162 -15.87 9.96 4.62
N ALA A 163 -15.71 9.07 3.62
CA ALA A 163 -14.39 8.52 3.42
C ALA A 163 -13.33 9.56 3.11
N ASP A 164 -12.17 9.42 3.68
CA ASP A 164 -11.07 10.39 3.55
C ASP A 164 -10.06 10.04 2.48
N ARG A 165 -9.76 8.75 2.32
CA ARG A 165 -8.67 8.32 1.48
C ARG A 165 -9.10 7.06 0.71
N TYR A 166 -8.37 6.78 -0.37
CA TYR A 166 -8.61 5.59 -1.18
C TYR A 166 -7.29 5.09 -1.70
N LEU A 167 -7.03 3.78 -1.51
CA LEU A 167 -5.85 3.12 -1.99
C LEU A 167 -6.22 2.33 -3.23
N LEU A 168 -5.51 2.59 -4.33
CA LEU A 168 -5.73 1.86 -5.60
C LEU A 168 -4.36 1.76 -6.30
N ARG A 169 -3.57 0.80 -5.94
CA ARG A 169 -2.25 0.68 -6.57
C ARG A 169 -2.41 0.60 -8.05
N HIS A 170 -1.52 1.26 -8.74
CA HIS A 170 -1.62 1.19 -10.22
C HIS A 170 -1.00 -0.13 -10.73
N GLU A 171 -0.28 -0.89 -9.91
CA GLU A 171 0.20 -2.25 -10.12
C GLU A 171 1.44 -2.32 -11.06
N THR A 172 1.25 -1.77 -12.25
CA THR A 172 2.33 -1.64 -13.25
C THR A 172 1.86 -0.58 -14.24
N ALA A 173 2.78 0.34 -14.58
CA ALA A 173 2.47 1.40 -15.51
C ALA A 173 2.77 0.97 -16.98
N ASN A 174 3.07 -0.25 -17.19
CA ASN A 174 3.28 -0.81 -18.59
C ASN A 174 1.87 -1.33 -19.00
N PRO A 175 1.19 -0.61 -19.97
CA PRO A 175 -0.20 -1.03 -20.26
C PRO A 175 -0.35 -2.44 -20.79
N VAL A 176 0.70 -2.90 -21.51
CA VAL A 176 0.64 -4.19 -22.07
C VAL A 176 0.73 -5.29 -20.99
N LEU A 177 1.70 -5.13 -20.12
CA LEU A 177 1.83 -6.05 -19.00
C LEU A 177 0.58 -6.00 -18.04
N HIS A 178 0.09 -4.76 -17.86
CA HIS A 178 -1.11 -4.59 -16.98
C HIS A 178 -2.26 -5.41 -17.48
N ARG A 179 -2.55 -5.30 -18.81
CA ARG A 179 -3.68 -6.03 -19.37
C ARG A 179 -3.52 -7.52 -19.29
N LYS A 180 -2.31 -8.00 -19.52
N LYS A 180 -2.31 -7.99 -19.53
CA LYS A 180 -2.01 -9.42 -19.39
CA LYS A 180 -2.00 -9.40 -19.41
C LYS A 180 -2.23 -9.96 -18.00
C LYS A 180 -2.23 -9.94 -18.00
N LEU A 181 -1.79 -9.21 -16.97
CA LEU A 181 -1.89 -9.65 -15.58
C LEU A 181 -3.29 -9.41 -14.98
N ARG A 182 -4.05 -8.49 -15.61
CA ARG A 182 -5.37 -8.08 -15.06
C ARG A 182 -6.38 -8.10 -16.21
N PRO A 183 -6.79 -9.31 -16.55
CA PRO A 183 -7.50 -9.48 -17.83
C PRO A 183 -8.90 -8.99 -17.85
N ASP A 184 -9.44 -8.52 -16.69
CA ASP A 184 -10.75 -7.99 -16.63
C ASP A 184 -10.80 -6.49 -16.96
N THR A 185 -9.60 -5.84 -17.01
CA THR A 185 -9.50 -4.43 -17.01
C THR A 185 -8.25 -3.94 -17.71
N SER A 186 -7.82 -2.73 -17.42
CA SER A 186 -6.68 -2.14 -18.16
C SER A 186 -6.02 -1.05 -17.36
N PHE A 187 -4.82 -0.67 -17.72
CA PHE A 187 -4.12 0.46 -17.13
C PHE A 187 -4.93 1.73 -17.34
N GLU A 188 -5.53 1.91 -18.54
CA GLU A 188 -6.30 3.11 -18.77
C GLU A 188 -7.49 3.22 -17.75
N ASN A 189 -8.15 2.10 -17.49
N ASN A 189 -8.17 2.09 -17.52
CA ASN A 189 -9.20 2.18 -16.48
CA ASN A 189 -9.23 2.04 -16.48
C ASN A 189 -8.67 2.46 -15.07
C ASN A 189 -8.69 2.42 -15.09
N ARG A 190 -7.56 1.81 -14.74
CA ARG A 190 -6.95 2.02 -13.44
C ARG A 190 -6.62 3.44 -13.20
N LEU A 191 -5.98 4.04 -14.23
CA LEU A 191 -5.67 5.46 -14.18
C LEU A 191 -6.89 6.35 -14.11
N ASN A 192 -7.88 6.05 -14.91
CA ASN A 192 -9.09 6.80 -14.81
C ASN A 192 -9.73 6.77 -13.40
N CYS A 193 -9.67 5.58 -12.77
CA CYS A 193 -10.19 5.48 -11.41
C CYS A 193 -9.37 6.37 -10.46
N LEU A 194 -8.03 6.34 -10.58
CA LEU A 194 -7.18 7.18 -9.73
C LEU A 194 -7.41 8.66 -9.94
N LEU A 195 -7.61 9.05 -11.20
CA LEU A 195 -7.93 10.49 -11.53
C LEU A 195 -9.27 10.89 -10.96
N THR A 196 -10.28 10.01 -11.04
CA THR A 196 -11.59 10.28 -10.46
C THR A 196 -11.50 10.51 -8.98
N LEU A 197 -10.76 9.56 -8.31
CA LEU A 197 -10.64 9.63 -6.83
C LEU A 197 -10.00 10.97 -6.44
N LYS A 198 -8.91 11.36 -7.11
N LYS A 198 -8.93 11.37 -7.12
CA LYS A 198 -8.28 12.70 -6.90
CA LYS A 198 -8.34 12.69 -6.84
C LYS A 198 -9.25 13.86 -7.11
C LYS A 198 -9.27 13.85 -7.10
N GLU A 199 -10.04 13.80 -8.17
CA GLU A 199 -11.03 14.87 -8.49
C GLU A 199 -12.11 15.00 -7.42
N LEU A 200 -12.49 13.85 -6.83
CA LEU A 200 -13.51 13.82 -5.81
C LEU A 200 -13.00 14.29 -4.44
N GLY A 201 -11.71 14.53 -4.33
CA GLY A 201 -11.12 15.06 -3.11
C GLY A 201 -10.58 14.03 -2.14
N TYR A 202 -10.47 12.74 -2.57
CA TYR A 202 -9.78 11.78 -1.73
C TYR A 202 -8.32 12.06 -1.65
N GLU A 203 -7.68 11.78 -0.50
N GLU A 203 -7.67 11.78 -0.50
CA GLU A 203 -6.26 11.50 -0.54
CA GLU A 203 -6.23 11.52 -0.48
C GLU A 203 -6.11 10.18 -1.22
C GLU A 203 -6.06 10.19 -1.14
N THR A 204 -5.29 10.11 -2.24
N THR A 204 -5.30 10.15 -2.22
CA THR A 204 -5.22 8.96 -3.16
CA THR A 204 -5.24 8.95 -3.06
C THR A 204 -3.91 8.30 -3.08
C THR A 204 -3.89 8.29 -3.07
N GLY A 205 -3.92 6.97 -2.95
CA GLY A 205 -2.76 6.15 -2.95
C GLY A 205 -2.64 5.28 -4.22
N ALA A 206 -1.45 5.30 -4.78
CA ALA A 206 -1.11 4.41 -5.92
C ALA A 206 0.03 3.49 -5.49
N GLY A 207 0.88 3.02 -6.43
CA GLY A 207 1.89 2.10 -6.11
C GLY A 207 1.86 0.86 -6.93
N SER A 208 2.81 -0.03 -6.73
CA SER A 208 3.10 -1.07 -7.69
C SER A 208 3.77 -2.21 -7.04
N MET A 209 3.75 -3.35 -7.75
CA MET A 209 4.52 -4.52 -7.31
C MET A 209 5.87 -4.50 -8.11
N VAL A 210 6.88 -5.08 -7.44
CA VAL A 210 8.21 -5.17 -8.02
C VAL A 210 8.56 -6.62 -8.21
N GLY A 211 9.07 -6.95 -9.40
CA GLY A 211 9.41 -8.33 -9.70
C GLY A 211 8.32 -9.17 -10.34
N LEU A 212 7.31 -8.49 -10.90
CA LEU A 212 6.26 -9.21 -11.69
C LEU A 212 6.93 -9.95 -12.83
N PRO A 213 6.35 -11.11 -13.18
CA PRO A 213 6.91 -11.82 -14.39
C PRO A 213 6.78 -10.91 -15.62
N GLY A 214 7.89 -10.75 -16.35
CA GLY A 214 7.96 -9.92 -17.51
C GLY A 214 8.24 -8.49 -17.32
N GLN A 215 8.31 -8.02 -16.01
CA GLN A 215 8.54 -6.63 -15.75
C GLN A 215 10.04 -6.37 -15.81
N THR A 216 10.41 -5.27 -16.42
CA THR A 216 11.82 -4.93 -16.61
C THR A 216 12.22 -3.77 -15.73
N ILE A 217 13.51 -3.51 -15.68
CA ILE A 217 14.02 -2.29 -15.00
C ILE A 217 13.43 -1.06 -15.62
N ASP A 218 13.33 -0.98 -16.97
CA ASP A 218 12.75 0.23 -17.57
C ASP A 218 11.24 0.36 -17.11
N ASP A 219 10.57 -0.75 -16.94
CA ASP A 219 9.21 -0.70 -16.39
C ASP A 219 9.15 -0.04 -14.97
N LEU A 220 10.13 -0.44 -14.14
CA LEU A 220 10.23 0.17 -12.81
C LEU A 220 10.45 1.67 -12.88
N VAL A 221 11.34 2.10 -13.79
CA VAL A 221 11.55 3.52 -14.02
C VAL A 221 10.24 4.19 -14.37
N ASP A 222 9.46 3.57 -15.27
CA ASP A 222 8.21 4.15 -15.66
C ASP A 222 7.20 4.25 -14.49
N ASP A 223 7.31 3.26 -13.58
CA ASP A 223 6.47 3.34 -12.34
C ASP A 223 6.83 4.55 -11.54
N LEU A 224 8.15 4.77 -11.35
CA LEU A 224 8.58 5.98 -10.61
C LEU A 224 8.16 7.29 -11.27
N LEU A 225 8.30 7.36 -12.63
CA LEU A 225 7.88 8.58 -13.33
C LEU A 225 6.39 8.85 -13.30
N PHE A 226 5.63 7.74 -13.35
CA PHE A 226 4.17 7.77 -13.18
C PHE A 226 3.73 8.36 -11.85
N LEU A 227 4.42 7.84 -10.81
CA LEU A 227 4.15 8.35 -9.46
C LEU A 227 4.47 9.80 -9.32
N LYS A 228 5.65 10.18 -9.84
CA LYS A 228 6.05 11.57 -9.77
C LYS A 228 5.07 12.49 -10.53
N GLU A 229 4.67 12.04 -11.73
CA GLU A 229 3.77 12.82 -12.59
C GLU A 229 2.48 13.15 -11.88
N HIS A 230 1.86 12.19 -11.18
CA HIS A 230 0.55 12.36 -10.56
C HIS A 230 0.57 12.83 -9.12
N ASP A 231 1.72 12.89 -8.54
CA ASP A 231 1.85 13.45 -7.22
C ASP A 231 0.92 12.80 -6.18
N PHE A 232 0.97 11.51 -6.12
CA PHE A 232 0.02 10.79 -5.23
C PHE A 232 0.35 11.11 -3.76
N ASP A 233 -0.72 11.09 -2.96
CA ASP A 233 -0.54 11.30 -1.51
C ASP A 233 0.10 10.14 -0.79
N MET A 234 -0.20 8.94 -1.27
N MET A 234 -0.18 8.96 -1.30
CA MET A 234 0.36 7.71 -0.68
CA MET A 234 0.39 7.75 -0.74
C MET A 234 0.89 6.84 -1.81
C MET A 234 0.91 6.86 -1.85
N VAL A 235 1.93 6.09 -1.51
CA VAL A 235 2.50 5.16 -2.49
C VAL A 235 2.81 3.84 -1.80
N GLY A 236 2.08 2.76 -2.13
CA GLY A 236 2.29 1.45 -1.59
C GLY A 236 3.08 0.58 -2.59
N ILE A 237 4.24 0.09 -2.08
CA ILE A 237 5.12 -0.71 -2.95
C ILE A 237 5.53 -1.98 -2.22
N GLY A 238 5.48 -3.10 -2.86
CA GLY A 238 5.98 -4.28 -2.32
C GLY A 238 6.40 -5.22 -3.43
N PRO A 239 7.01 -6.33 -2.98
CA PRO A 239 7.38 -7.35 -4.00
C PRO A 239 6.16 -8.13 -4.43
N PHE A 240 6.24 -8.66 -5.64
CA PHE A 240 5.35 -9.74 -6.07
C PHE A 240 5.79 -11.00 -5.34
N ILE A 241 4.82 -11.70 -4.78
CA ILE A 241 5.08 -12.94 -4.07
C ILE A 241 4.17 -14.02 -4.73
N PRO A 242 4.77 -15.02 -5.41
CA PRO A 242 3.90 -16.00 -6.09
CA PRO A 242 3.92 -16.02 -6.07
C PRO A 242 3.01 -16.78 -5.13
N HIS A 243 1.79 -17.01 -5.63
CA HIS A 243 0.79 -17.71 -4.86
C HIS A 243 0.54 -19.09 -5.59
N PRO A 244 0.55 -20.15 -4.83
CA PRO A 244 0.51 -21.53 -5.44
C PRO A 244 -0.79 -21.86 -6.14
N ASP A 245 -1.87 -21.17 -5.84
CA ASP A 245 -3.15 -21.40 -6.47
C ASP A 245 -3.47 -20.39 -7.55
N THR A 246 -2.43 -19.92 -8.27
CA THR A 246 -2.58 -18.97 -9.32
C THR A 246 -1.75 -19.41 -10.53
N PRO A 247 -1.98 -18.77 -11.67
CA PRO A 247 -1.19 -19.07 -12.87
C PRO A 247 0.27 -18.74 -12.72
N LEU A 248 0.62 -17.87 -11.77
CA LEU A 248 2.01 -17.37 -11.61
C LEU A 248 2.70 -18.12 -10.50
N ALA A 249 2.18 -19.24 -10.07
CA ALA A 249 2.72 -20.07 -8.97
C ALA A 249 4.23 -20.32 -9.03
N ASN A 250 4.71 -20.54 -10.25
CA ASN A 250 6.12 -20.98 -10.44
C ASN A 250 7.01 -19.91 -10.88
N GLU A 251 6.55 -18.64 -10.80
CA GLU A 251 7.38 -17.51 -11.16
C GLU A 251 8.23 -17.06 -9.98
N LYS A 252 9.30 -16.28 -10.25
CA LYS A 252 10.24 -15.83 -9.22
C LYS A 252 9.60 -14.75 -8.33
N LYS A 253 9.82 -14.76 -7.05
N LYS A 253 9.89 -14.75 -7.05
CA LYS A 253 9.46 -13.71 -6.16
CA LYS A 253 9.44 -13.69 -6.19
C LYS A 253 10.26 -12.45 -6.47
C LYS A 253 10.31 -12.45 -6.48
N GLY A 254 9.70 -11.30 -6.20
CA GLY A 254 10.42 -10.07 -6.31
C GLY A 254 11.55 -9.95 -5.31
N ASP A 255 12.59 -9.24 -5.72
CA ASP A 255 13.78 -9.07 -4.92
C ASP A 255 13.58 -8.01 -3.84
N PHE A 256 13.92 -8.36 -2.62
CA PHE A 256 13.74 -7.36 -1.53
C PHE A 256 14.53 -6.07 -1.75
N THR A 257 15.85 -6.22 -2.08
CA THR A 257 16.67 -5.03 -2.20
C THR A 257 16.21 -4.13 -3.30
N LEU A 258 15.83 -4.71 -4.49
CA LEU A 258 15.35 -3.89 -5.56
C LEU A 258 14.06 -3.12 -5.15
N THR A 259 13.18 -3.85 -4.45
CA THR A 259 11.93 -3.27 -3.99
C THR A 259 12.22 -2.12 -2.98
N LEU A 260 13.20 -2.34 -2.12
CA LEU A 260 13.61 -1.32 -1.13
C LEU A 260 14.14 -0.04 -1.86
N LYS A 261 14.91 -0.27 -2.96
CA LYS A 261 15.32 0.84 -3.75
C LYS A 261 14.20 1.61 -4.37
N MET A 262 13.12 0.89 -4.80
CA MET A 262 11.96 1.58 -5.30
C MET A 262 11.29 2.44 -4.21
N VAL A 263 11.22 1.93 -2.98
CA VAL A 263 10.69 2.73 -1.87
C VAL A 263 11.57 3.96 -1.64
N ALA A 264 12.90 3.76 -1.62
CA ALA A 264 13.80 4.87 -1.36
C ALA A 264 13.66 5.93 -2.45
N LEU A 265 13.66 5.50 -3.71
CA LEU A 265 13.47 6.48 -4.78
C LEU A 265 12.18 7.19 -4.79
N THR A 266 11.09 6.48 -4.35
CA THR A 266 9.78 7.11 -4.21
C THR A 266 9.82 8.26 -3.17
N ARG A 267 10.49 8.02 -2.06
CA ARG A 267 10.63 9.08 -1.06
C ARG A 267 11.42 10.27 -1.61
N ILE A 268 12.52 9.94 -2.33
CA ILE A 268 13.33 11.04 -2.91
C ILE A 268 12.51 11.86 -3.90
N LEU A 269 11.70 11.17 -4.73
CA LEU A 269 10.90 11.85 -5.72
C LEU A 269 9.70 12.60 -5.17
N LEU A 270 9.08 12.06 -4.12
CA LEU A 270 7.86 12.54 -3.51
C LEU A 270 8.09 12.75 -2.01
N PRO A 271 8.88 13.78 -1.64
CA PRO A 271 9.42 13.81 -0.32
C PRO A 271 8.40 13.99 0.79
N ASP A 272 7.24 14.56 0.47
CA ASP A 272 6.20 14.80 1.46
C ASP A 272 5.06 13.81 1.39
N SER A 273 5.27 12.67 0.72
CA SER A 273 4.21 11.67 0.59
C SER A 273 4.20 10.73 1.83
N ASN A 274 3.10 10.00 1.94
CA ASN A 274 2.98 8.94 2.94
C ASN A 274 3.25 7.62 2.26
N ILE A 275 4.21 6.85 2.82
CA ILE A 275 4.76 5.66 2.17
C ILE A 275 4.81 4.54 3.20
N PRO A 276 4.02 3.47 3.03
CA PRO A 276 4.11 2.39 4.00
C PRO A 276 5.24 1.47 3.86
N ALA A 277 5.67 0.84 4.96
CA ALA A 277 6.54 -0.32 5.05
C ALA A 277 5.60 -1.50 5.04
N THR A 278 5.45 -2.11 3.85
CA THR A 278 4.32 -3.02 3.64
C THR A 278 4.50 -4.38 4.21
N THR A 279 3.37 -5.02 4.50
CA THR A 279 3.43 -6.37 5.00
C THR A 279 4.15 -7.27 4.02
N ALA A 280 4.03 -7.08 2.76
CA ALA A 280 4.78 -7.92 1.79
C ALA A 280 6.29 -7.81 1.97
N MET A 281 6.84 -6.64 2.28
CA MET A 281 8.25 -6.49 2.61
C MET A 281 8.67 -7.31 3.85
N GLY A 282 7.77 -7.37 4.84
CA GLY A 282 8.06 -8.19 6.01
C GLY A 282 7.82 -9.65 5.87
N THR A 283 7.16 -10.04 4.77
CA THR A 283 6.95 -11.47 4.46
C THR A 283 8.13 -12.05 3.75
N ILE A 284 8.73 -11.35 2.81
CA ILE A 284 9.86 -11.91 2.08
C ILE A 284 11.16 -11.93 2.87
N VAL A 285 11.30 -10.99 3.81
CA VAL A 285 12.50 -10.92 4.63
C VAL A 285 12.10 -10.69 6.07
N PRO A 286 12.56 -11.50 7.04
CA PRO A 286 12.29 -11.22 8.42
C PRO A 286 12.81 -9.85 8.83
N GLY A 287 11.98 -9.02 9.41
CA GLY A 287 12.37 -7.68 9.72
C GLY A 287 12.33 -6.72 8.55
N GLY A 288 11.71 -7.11 7.43
CA GLY A 288 11.65 -6.26 6.28
C GLY A 288 10.91 -4.98 6.46
N ARG A 289 9.84 -4.91 7.33
CA ARG A 289 9.16 -3.62 7.52
C ARG A 289 10.03 -2.61 8.23
N GLU A 290 10.75 -3.11 9.22
CA GLU A 290 11.60 -2.24 9.99
C GLU A 290 12.72 -1.67 9.12
N ILE A 291 13.30 -2.47 8.26
CA ILE A 291 14.33 -1.97 7.31
C ILE A 291 13.64 -0.86 6.44
N THR A 292 12.45 -1.13 5.91
CA THR A 292 11.81 -0.20 5.00
C THR A 292 11.52 1.11 5.67
N LEU A 293 11.07 1.10 6.94
CA LEU A 293 10.86 2.32 7.72
C LEU A 293 12.12 3.13 7.89
N ARG A 294 13.30 2.53 7.68
CA ARG A 294 14.58 3.24 7.76
C ARG A 294 15.15 3.58 6.40
N CYS A 295 14.38 3.38 5.32
CA CYS A 295 14.84 3.62 3.97
C CYS A 295 13.83 4.47 3.20
N GLY A 296 12.96 5.24 3.95
CA GLY A 296 12.06 6.14 3.30
C GLY A 296 10.60 6.05 3.77
N ALA A 297 10.22 4.92 4.28
CA ALA A 297 8.80 4.76 4.69
C ALA A 297 8.49 5.47 6.01
N ASN A 298 7.24 5.82 6.19
CA ASN A 298 6.74 6.51 7.37
C ASN A 298 5.37 6.09 7.85
N VAL A 299 4.88 4.98 7.29
CA VAL A 299 3.55 4.48 7.63
C VAL A 299 3.69 2.97 7.86
N ILE A 300 2.82 2.46 8.73
CA ILE A 300 2.72 1.01 8.93
C ILE A 300 1.27 0.67 9.01
N MET A 301 0.89 -0.51 8.51
CA MET A 301 -0.48 -0.91 8.39
C MET A 301 -0.75 -2.27 9.12
N PRO A 302 -0.88 -2.30 10.44
CA PRO A 302 -1.05 -3.59 11.18
C PRO A 302 -2.40 -4.19 10.75
N ASN A 303 -2.41 -5.50 10.68
N ASN A 303 -2.38 -5.50 10.58
CA ASN A 303 -3.58 -6.26 10.30
CA ASN A 303 -3.57 -6.22 10.24
C ASN A 303 -4.52 -6.34 11.50
C ASN A 303 -4.50 -6.33 11.45
N TRP A 304 -5.74 -5.93 11.28
CA TRP A 304 -6.77 -5.94 12.31
C TRP A 304 -7.94 -6.81 11.91
N THR A 305 -7.77 -7.69 10.96
CA THR A 305 -8.84 -8.63 10.56
C THR A 305 -8.98 -9.70 11.69
N PRO A 306 -10.26 -9.93 12.14
CA PRO A 306 -10.41 -10.91 13.21
C PRO A 306 -10.28 -12.32 12.76
N SER A 307 -9.84 -13.22 13.64
N SER A 307 -9.86 -13.22 13.65
CA SER A 307 -10.09 -14.68 13.40
CA SER A 307 -10.10 -14.65 13.40
C SER A 307 -11.61 -14.90 13.40
C SER A 307 -11.64 -14.89 13.42
N PRO A 308 -12.13 -15.87 12.64
CA PRO A 308 -11.44 -16.82 11.85
C PRO A 308 -11.14 -16.43 10.46
N TYR A 309 -11.39 -15.15 10.12
CA TYR A 309 -11.25 -14.68 8.74
C TYR A 309 -9.84 -14.33 8.32
N ARG A 310 -9.08 -13.81 9.29
N ARG A 310 -9.10 -13.79 9.28
CA ARG A 310 -7.74 -13.34 9.02
CA ARG A 310 -7.77 -13.35 9.01
C ARG A 310 -6.93 -14.31 8.18
C ARG A 310 -6.96 -14.32 8.14
N GLN A 311 -6.96 -15.61 8.55
CA GLN A 311 -6.17 -16.60 7.86
C GLN A 311 -6.64 -16.92 6.44
N LEU A 312 -7.84 -16.47 6.07
CA LEU A 312 -8.44 -16.67 4.73
C LEU A 312 -8.16 -15.59 3.74
N TYR A 313 -7.55 -14.51 4.19
CA TYR A 313 -7.29 -13.39 3.30
C TYR A 313 -5.86 -13.50 2.75
N GLN A 314 -5.67 -14.42 1.81
CA GLN A 314 -4.32 -14.75 1.39
C GLN A 314 -4.00 -14.25 0.02
N LEU A 315 -3.76 -12.96 -0.25
CA LEU A 315 -3.41 -12.50 -1.51
C LEU A 315 -2.10 -13.19 -1.98
N TYR A 316 -1.21 -13.49 -1.01
CA TYR A 316 0.02 -14.14 -1.25
C TYR A 316 0.31 -14.99 -0.04
N PRO A 317 1.12 -16.05 -0.16
CA PRO A 317 1.38 -16.86 1.02
C PRO A 317 2.37 -16.31 1.98
N GLY A 318 2.34 -16.90 3.16
CA GLY A 318 3.29 -16.51 4.18
C GLY A 318 2.89 -15.23 4.82
N LYS A 319 1.81 -14.66 4.38
CA LYS A 319 1.39 -13.31 4.79
C LYS A 319 1.33 -13.17 6.28
N ILE A 320 2.19 -12.29 6.82
N ILE A 320 2.13 -12.24 6.82
CA ILE A 320 2.45 -12.38 8.28
CA ILE A 320 2.45 -12.28 8.26
C ILE A 320 1.19 -12.01 9.10
C ILE A 320 1.16 -12.08 9.06
N SER A 321 1.40 -12.38 10.26
CA SER A 321 0.67 -11.83 11.42
C SER A 321 -0.53 -12.72 11.73
N VAL A 322 -0.44 -13.98 11.30
CA VAL A 322 -1.52 -14.92 11.49
C VAL A 322 -1.58 -15.77 12.72
N PHE A 323 -0.51 -16.13 13.37
CA PHE A 323 -0.66 -16.99 14.52
C PHE A 323 -0.85 -16.29 15.87
N GLU A 324 -0.64 -14.99 15.93
CA GLU A 324 -0.85 -14.25 17.17
C GLU A 324 -2.32 -13.84 17.34
N LYS A 325 -2.70 -13.52 18.55
CA LYS A 325 -4.04 -13.11 18.84
C LYS A 325 -4.37 -11.98 17.93
N ASP A 326 -5.57 -11.87 17.45
CA ASP A 326 -5.95 -10.86 16.50
C ASP A 326 -5.92 -9.42 17.04
N THR A 327 -5.52 -9.19 18.30
CA THR A 327 -5.33 -7.89 18.86
C THR A 327 -3.79 -7.61 19.05
N ALA A 328 -2.97 -8.51 18.57
CA ALA A 328 -1.50 -8.35 18.76
C ALA A 328 -0.89 -7.24 17.90
N SER A 329 -1.46 -6.95 16.74
CA SER A 329 -0.65 -6.19 15.76
C SER A 329 -0.48 -4.72 16.08
N ILE A 330 -1.48 -4.07 16.68
CA ILE A 330 -1.34 -2.66 17.01
C ILE A 330 -0.28 -2.52 18.13
N PRO A 331 -0.37 -3.30 19.24
CA PRO A 331 0.68 -3.25 20.22
C PRO A 331 2.07 -3.56 19.63
N SER A 332 2.11 -4.55 18.77
N SER A 332 2.15 -4.55 18.76
CA SER A 332 3.39 -4.92 18.17
CA SER A 332 3.42 -4.94 18.17
C SER A 332 4.02 -3.78 17.38
C SER A 332 4.04 -3.79 17.36
N VAL A 333 3.23 -3.07 16.59
CA VAL A 333 3.78 -1.97 15.83
C VAL A 333 4.10 -0.78 16.72
N MET A 334 3.42 -0.59 17.83
CA MET A 334 3.84 0.45 18.73
CA MET A 334 3.79 0.43 18.82
C MET A 334 5.21 0.12 19.34
N LYS A 335 5.45 -1.12 19.66
CA LYS A 335 6.78 -1.53 20.14
C LYS A 335 7.81 -1.32 19.04
N MET A 336 7.48 -1.72 17.82
CA MET A 336 8.39 -1.53 16.70
C MET A 336 8.79 -0.06 16.57
N ILE A 337 7.80 0.83 16.54
CA ILE A 337 8.05 2.26 16.39
C ILE A 337 9.01 2.75 17.52
N GLU A 338 8.82 2.33 18.74
CA GLU A 338 9.72 2.72 19.85
C GLU A 338 11.12 2.19 19.63
N LEU A 339 11.25 0.89 19.31
CA LEU A 339 12.62 0.35 19.18
C LEU A 339 13.35 0.89 17.99
N LEU A 340 12.62 1.45 17.01
CA LEU A 340 13.25 2.17 15.92
C LEU A 340 13.61 3.62 16.26
N GLY A 341 13.32 4.06 17.47
CA GLY A 341 13.59 5.42 17.85
C GLY A 341 12.69 6.41 17.19
N ARG A 342 11.47 6.00 16.88
CA ARG A 342 10.51 6.82 16.20
C ARG A 342 9.31 7.11 17.15
N LYS A 343 8.31 7.83 16.67
CA LYS A 343 7.17 8.25 17.51
C LYS A 343 5.87 7.87 16.90
N PRO A 344 4.77 7.57 17.66
CA PRO A 344 3.49 7.23 16.91
C PRO A 344 2.87 8.59 16.41
N GLY A 345 2.15 8.50 15.34
CA GLY A 345 1.42 9.63 14.86
C GLY A 345 0.48 10.18 15.91
N ARG A 346 0.37 11.51 15.92
CA ARG A 346 -0.46 12.19 16.90
C ARG A 346 -1.86 12.62 16.36
N ASP A 347 -1.98 12.66 15.08
CA ASP A 347 -3.18 13.11 14.38
C ASP A 347 -3.53 12.03 13.35
N TRP A 348 -4.35 12.34 12.37
CA TRP A 348 -4.73 11.32 11.41
C TRP A 348 -3.64 11.02 10.43
N GLY A 349 -2.53 11.72 10.44
CA GLY A 349 -1.46 11.46 9.50
C GLY A 349 -1.84 11.72 8.05
N GLY A 350 -2.65 12.76 7.76
CA GLY A 350 -2.91 13.14 6.41
C GLY A 350 -1.64 13.69 5.78
N ARG A 351 -1.65 13.83 4.48
CA ARG A 351 -0.48 14.40 3.84
C ARG A 351 -0.28 15.88 4.22
N LYS A 352 0.92 16.25 4.55
CA LYS A 352 1.26 17.68 4.92
C LYS A 352 2.22 18.16 3.81
N ARG A 353 1.59 18.80 2.81
CA ARG A 353 2.36 19.16 1.65
C ARG A 353 3.37 20.28 1.97
N VAL A 354 4.57 20.11 1.45
CA VAL A 354 5.62 21.11 1.54
C VAL A 354 5.78 21.60 0.09
N PHE A 355 5.26 22.79 -0.22
CA PHE A 355 5.34 23.30 -1.58
C PHE A 355 6.76 23.80 -1.84
N GLU A 356 7.34 23.40 -2.97
CA GLU A 356 8.70 23.78 -3.22
C GLU A 356 8.86 24.21 -4.62
N THR A 357 10.06 24.14 -5.17
CA THR A 357 10.33 24.61 -6.54
C THR A 357 10.63 23.34 -7.38
#